data_6WZW
#
_entry.id   6WZW
#
_cell.length_a   76.277
_cell.length_b   31.998
_cell.length_c   91.160
_cell.angle_alpha   90.000
_cell.angle_beta   102.341
_cell.angle_gamma   90.000
#
_symmetry.space_group_name_H-M   'C 1 2 1'
#
loop_
_entity.id
_entity.type
_entity.pdbx_description
1 polymer 'Histone-lysine N-methyltransferase ASH1L'
2 non-polymer '4-(2-HYDROXYETHYL)-1-PIPERAZINE ETHANESULFONIC ACID'
3 non-polymer S-ADENOSYLMETHIONINE
4 non-polymer 'ZINC ION'
5 non-polymer N-{[3-(3-carbamothioylphenyl)-1-{1-[(trifluoromethyl)sulfonyl]piperidin-4-yl}-1H-indol-6-yl]methyl}azetidine-3-carboxamide
6 water water
#
_entity_poly.entity_id   1
_entity_poly.type   'polypeptide(L)'
_entity_poly.pdbx_seq_one_letter_code
;GAMAGSYKKIRSNVYVDVKPLSGYEATTCNCKKPDDDTRKGCVDDCLNRMIFAECSPNTCPCGEQCCNQRIQRHEWVQCL
ERFRAEEKGWGIRTKEPLKAGQFIIEYLGEVVSEQEFRNRMIEQYHNHSDHYCLNLDSGMVIDSYRMGNEARFINHSCDP
NCEMQKWSVNGVYRIGLYALKDMPAGTELTYDYNFHSFNVEKQQLCKCGFEKCRGIIGGKSQRVNG
;
_entity_poly.pdbx_strand_id   A
#
# COMPACT_ATOMS: atom_id res chain seq x y z
N GLY A 1 -24.06 -17.64 5.90
CA GLY A 1 -22.83 -16.97 6.23
C GLY A 1 -22.05 -16.56 5.00
N ALA A 2 -20.93 -15.87 5.22
CA ALA A 2 -20.07 -15.44 4.13
C ALA A 2 -19.21 -16.58 3.62
N MET A 3 -18.91 -16.54 2.33
CA MET A 3 -18.02 -17.56 1.75
C MET A 3 -16.59 -17.31 2.19
N ALA A 4 -15.80 -18.38 2.18
CA ALA A 4 -14.41 -18.28 2.59
C ALA A 4 -13.66 -17.26 1.75
N GLY A 5 -12.84 -16.46 2.43
CA GLY A 5 -12.11 -15.40 1.76
C GLY A 5 -12.97 -14.25 1.31
N SER A 6 -14.22 -14.16 1.75
CA SER A 6 -15.07 -13.04 1.35
C SER A 6 -14.55 -11.75 1.97
N TYR A 7 -14.75 -10.66 1.24
CA TYR A 7 -14.48 -9.34 1.76
C TYR A 7 -15.24 -8.35 0.88
N LYS A 8 -15.55 -7.20 1.45
CA LYS A 8 -16.23 -6.16 0.69
C LYS A 8 -15.21 -5.37 -0.11
N LYS A 9 -15.35 -5.34 -1.43
CA LYS A 9 -14.43 -4.57 -2.25
C LYS A 9 -14.83 -3.12 -2.22
N ILE A 10 -13.94 -2.25 -1.73
CA ILE A 10 -14.22 -0.82 -1.64
C ILE A 10 -13.35 -0.07 -2.63
N ARG A 11 -13.73 1.18 -2.92
CA ARG A 11 -13.01 1.98 -3.89
C ARG A 11 -12.00 2.91 -3.25
N SER A 12 -12.19 3.27 -1.99
CA SER A 12 -11.27 4.12 -1.26
C SER A 12 -11.47 3.83 0.23
N ASN A 13 -10.55 4.36 1.05
CA ASN A 13 -10.56 4.01 2.47
C ASN A 13 -11.86 4.41 3.14
N VAL A 14 -12.31 3.58 4.07
CA VAL A 14 -13.48 3.84 4.89
C VAL A 14 -13.01 4.32 6.25
N TYR A 15 -13.41 5.52 6.64
CA TYR A 15 -12.97 6.10 7.92
C TYR A 15 -13.97 5.70 8.99
N VAL A 16 -13.50 4.97 10.01
CA VAL A 16 -14.37 4.47 11.05
C VAL A 16 -14.42 5.47 12.19
N ASP A 17 -13.52 5.34 13.16
CA ASP A 17 -13.52 6.27 14.29
C ASP A 17 -12.37 7.28 14.23
N VAL A 18 -11.54 7.24 13.20
CA VAL A 18 -10.49 8.24 12.98
C VAL A 18 -10.40 8.54 11.50
N LYS A 19 -9.94 9.74 11.18
CA LYS A 19 -9.61 10.09 9.81
C LYS A 19 -8.17 10.57 9.78
N PRO A 20 -7.32 10.01 8.90
CA PRO A 20 -5.88 10.27 8.95
C PRO A 20 -5.49 11.58 8.28
N LEU A 21 -6.04 12.68 8.80
CA LEU A 21 -5.67 13.99 8.28
C LEU A 21 -4.17 14.20 8.43
N SER A 22 -3.55 14.73 7.37
CA SER A 22 -2.11 14.97 7.36
C SER A 22 -1.74 16.33 7.91
N GLY A 23 -2.69 17.27 7.94
CA GLY A 23 -2.41 18.64 8.33
C GLY A 23 -1.74 19.47 7.27
N TYR A 24 -1.57 18.95 6.06
CA TYR A 24 -0.83 19.65 5.02
C TYR A 24 -1.57 19.58 3.70
N GLU A 25 -1.58 20.70 2.98
CA GLU A 25 -2.07 20.77 1.61
C GLU A 25 -0.94 21.30 0.75
N ALA A 26 -0.55 20.53 -0.27
CA ALA A 26 0.51 20.98 -1.15
C ALA A 26 0.03 22.17 -1.96
N THR A 27 0.94 23.10 -2.21
CA THR A 27 0.64 24.23 -3.09
C THR A 27 1.65 24.22 -4.24
N THR A 28 1.73 25.33 -4.99
CA THR A 28 2.53 25.34 -6.21
C THR A 28 3.98 25.01 -5.92
N CYS A 29 4.53 24.06 -6.68
CA CYS A 29 5.94 23.69 -6.63
C CYS A 29 6.74 24.56 -7.60
N ASN A 30 8.04 24.28 -7.71
CA ASN A 30 8.93 25.04 -8.57
C ASN A 30 9.18 24.37 -9.91
N CYS A 31 8.38 23.37 -10.28
CA CYS A 31 8.57 22.67 -11.54
C CYS A 31 8.09 23.52 -12.71
N LYS A 32 8.59 23.19 -13.90
CA LYS A 32 8.17 23.82 -15.15
C LYS A 32 7.49 22.78 -16.04
N LYS A 33 6.36 23.16 -16.62
CA LYS A 33 5.61 22.25 -17.48
C LYS A 33 6.34 22.04 -18.80
N PRO A 34 6.64 20.80 -19.18
CA PRO A 34 7.29 20.56 -20.47
C PRO A 34 6.43 21.05 -21.62
N ASP A 35 7.09 21.66 -22.62
CA ASP A 35 6.36 22.19 -23.77
C ASP A 35 5.77 21.07 -24.61
N ASP A 36 6.52 19.98 -24.77
CA ASP A 36 6.00 18.75 -25.37
C ASP A 36 5.07 18.07 -24.38
N ASP A 37 3.77 18.07 -24.65
CA ASP A 37 2.84 17.64 -23.61
C ASP A 37 2.75 16.12 -23.50
N THR A 38 3.54 15.37 -24.25
CA THR A 38 3.71 13.95 -23.98
C THR A 38 4.76 13.68 -22.92
N ARG A 39 5.44 14.70 -22.43
CA ARG A 39 6.51 14.55 -21.45
CA ARG A 39 6.51 14.55 -21.45
C ARG A 39 6.00 14.87 -20.05
N LYS A 40 6.38 14.03 -19.09
CA LYS A 40 5.94 14.20 -17.71
C LYS A 40 6.63 15.40 -17.06
N GLY A 41 5.89 16.10 -16.20
CA GLY A 41 6.45 17.12 -15.33
C GLY A 41 6.35 16.65 -13.88
N CYS A 42 6.96 17.45 -12.98
CA CYS A 42 7.04 17.10 -11.55
C CYS A 42 7.69 15.74 -11.33
N VAL A 43 8.89 15.58 -11.89
CA VAL A 43 9.64 14.34 -11.75
C VAL A 43 10.46 14.37 -10.46
N ASP A 44 11.69 13.85 -10.51
CA ASP A 44 12.37 13.51 -9.25
C ASP A 44 12.68 14.73 -8.39
N ASP A 45 12.86 15.91 -8.99
CA ASP A 45 13.22 17.12 -8.25
C ASP A 45 12.02 17.95 -7.82
N CYS A 46 10.79 17.47 -7.97
CA CYS A 46 9.63 18.21 -7.52
C CYS A 46 9.64 18.34 -6.00
N LEU A 47 9.52 19.58 -5.50
CA LEU A 47 9.63 19.78 -4.06
C LEU A 47 8.47 19.13 -3.30
N ASN A 48 7.30 19.01 -3.94
CA ASN A 48 6.22 18.29 -3.26
C ASN A 48 6.53 16.79 -3.18
N ARG A 49 7.01 16.21 -4.28
CA ARG A 49 7.38 14.81 -4.28
C ARG A 49 8.43 14.52 -3.21
N MET A 50 9.33 15.46 -2.99
CA MET A 50 10.40 15.18 -2.05
CA MET A 50 10.43 15.26 -2.04
C MET A 50 9.97 15.23 -0.59
N ILE A 51 8.76 15.73 -0.28
CA ILE A 51 8.20 15.61 1.07
C ILE A 51 7.05 14.61 1.11
N PHE A 52 6.96 13.75 0.10
CA PHE A 52 5.89 12.75 -0.01
C PHE A 52 4.51 13.39 0.10
N ALA A 53 4.37 14.54 -0.56
CA ALA A 53 3.08 15.17 -0.77
C ALA A 53 2.77 15.12 -2.26
N GLU A 54 1.61 14.57 -2.61
CA GLU A 54 1.18 14.68 -4.00
C GLU A 54 0.72 16.10 -4.29
N CYS A 55 0.97 16.55 -5.52
CA CYS A 55 0.60 17.90 -5.92
C CYS A 55 -0.92 18.09 -5.83
N SER A 56 -1.33 19.36 -5.67
CA SER A 56 -2.76 19.71 -5.72
C SER A 56 -3.08 20.23 -7.11
N PRO A 57 -4.14 19.73 -7.76
CA PRO A 57 -4.35 20.08 -9.17
C PRO A 57 -4.71 21.54 -9.41
N ASN A 58 -5.24 22.26 -8.43
CA ASN A 58 -5.54 23.66 -8.73
C ASN A 58 -4.29 24.52 -8.78
N THR A 59 -3.18 24.03 -8.24
CA THR A 59 -1.97 24.83 -8.08
C THR A 59 -0.75 24.28 -8.80
N CYS A 60 -0.74 23.01 -9.23
CA CYS A 60 0.47 22.47 -9.84
C CYS A 60 0.74 23.13 -11.19
N PRO A 61 1.97 23.60 -11.45
CA PRO A 61 2.27 24.25 -12.73
C PRO A 61 2.27 23.30 -13.92
N CYS A 62 2.30 22.00 -13.70
CA CYS A 62 2.36 21.03 -14.80
C CYS A 62 1.00 20.50 -15.22
N GLY A 63 -0.06 20.82 -14.49
CA GLY A 63 -1.40 20.47 -14.96
C GLY A 63 -1.53 18.98 -15.18
N GLU A 64 -2.09 18.62 -16.34
CA GLU A 64 -2.35 17.21 -16.65
C GLU A 64 -1.07 16.41 -16.85
N GLN A 65 0.08 17.07 -17.08
CA GLN A 65 1.35 16.40 -17.25
C GLN A 65 2.06 16.09 -15.94
N CYS A 66 1.51 16.49 -14.79
CA CYS A 66 2.10 16.17 -13.50
C CYS A 66 2.11 14.67 -13.27
N CYS A 67 3.28 14.11 -12.94
CA CYS A 67 3.34 12.69 -12.62
C CYS A 67 3.54 12.46 -11.13
N ASN A 68 3.26 13.47 -10.31
CA ASN A 68 3.28 13.38 -8.86
C ASN A 68 1.87 13.40 -8.27
N GLN A 69 0.91 12.79 -8.98
CA GLN A 69 -0.45 12.63 -8.46
C GLN A 69 -0.92 11.20 -8.63
N ARG A 70 -0.03 10.24 -8.36
CA ARG A 70 -0.27 8.84 -8.73
C ARG A 70 -1.40 8.22 -7.92
N ILE A 71 -1.43 8.49 -6.60
CA ILE A 71 -2.49 7.90 -5.77
C ILE A 71 -3.84 8.53 -6.10
N GLN A 72 -3.89 9.87 -6.16
CA GLN A 72 -5.21 10.50 -6.33
C GLN A 72 -5.76 10.27 -7.73
N ARG A 73 -4.90 10.10 -8.73
CA ARG A 73 -5.36 9.77 -10.07
C ARG A 73 -5.58 8.28 -10.26
N HIS A 74 -5.42 7.48 -9.21
CA HIS A 74 -5.75 6.05 -9.26
C HIS A 74 -4.95 5.33 -10.34
N GLU A 75 -3.66 5.65 -10.42
CA GLU A 75 -2.78 5.13 -11.48
C GLU A 75 -2.20 3.77 -11.11
N TRP A 76 -3.10 2.87 -10.73
CA TRP A 76 -2.71 1.51 -10.36
C TRP A 76 -2.27 0.72 -11.59
N VAL A 77 -1.33 -0.20 -11.40
CA VAL A 77 -1.05 -1.11 -12.51
C VAL A 77 -2.27 -2.01 -12.70
N GLN A 78 -2.55 -2.37 -13.94
CA GLN A 78 -3.75 -3.15 -14.24
C GLN A 78 -3.44 -4.60 -14.55
N CYS A 79 -2.27 -5.08 -14.14
CA CYS A 79 -1.81 -6.41 -14.49
C CYS A 79 -1.66 -7.34 -13.29
N LEU A 80 -2.29 -7.01 -12.16
CA LEU A 80 -2.16 -7.85 -10.97
C LEU A 80 -3.15 -9.00 -11.03
N GLU A 81 -2.78 -10.10 -10.38
CA GLU A 81 -3.61 -11.30 -10.40
C GLU A 81 -3.49 -12.02 -9.08
N ARG A 82 -4.62 -12.43 -8.49
CA ARG A 82 -4.60 -13.29 -7.32
CA ARG A 82 -4.60 -13.29 -7.32
C ARG A 82 -4.37 -14.73 -7.74
N PHE A 83 -3.49 -15.42 -7.02
CA PHE A 83 -3.14 -16.79 -7.38
C PHE A 83 -2.86 -17.60 -6.12
N ARG A 84 -2.83 -18.92 -6.29
CA ARG A 84 -2.55 -19.82 -5.17
C ARG A 84 -1.04 -19.87 -4.94
N ALA A 85 -0.59 -19.29 -3.83
CA ALA A 85 0.82 -19.21 -3.51
C ALA A 85 1.17 -20.37 -2.57
N GLU A 86 2.05 -21.26 -3.03
CA GLU A 86 2.38 -22.48 -2.29
C GLU A 86 2.66 -22.19 -0.82
N GLU A 87 1.88 -22.83 0.04
CA GLU A 87 1.96 -22.76 1.51
C GLU A 87 1.66 -21.38 2.06
N LYS A 88 1.11 -20.47 1.25
CA LYS A 88 0.82 -19.11 1.69
C LYS A 88 -0.57 -18.67 1.22
N GLY A 89 -1.50 -19.62 1.06
CA GLY A 89 -2.85 -19.27 0.67
C GLY A 89 -2.88 -18.53 -0.66
N TRP A 90 -3.64 -17.43 -0.69
CA TRP A 90 -3.64 -16.52 -1.83
C TRP A 90 -2.43 -15.60 -1.79
N GLY A 91 -1.85 -15.34 -2.97
CA GLY A 91 -0.93 -14.25 -3.14
C GLY A 91 -1.36 -13.39 -4.32
N ILE A 92 -0.58 -12.33 -4.56
CA ILE A 92 -0.76 -11.43 -5.71
C ILE A 92 0.52 -11.45 -6.52
N ARG A 93 0.39 -11.68 -7.83
CA ARG A 93 1.54 -11.60 -8.72
C ARG A 93 1.28 -10.57 -9.82
N THR A 94 2.36 -10.05 -10.40
CA THR A 94 2.23 -9.11 -11.52
C THR A 94 2.41 -9.90 -12.82
N LYS A 95 1.48 -9.72 -13.75
CA LYS A 95 1.57 -10.47 -15.00
C LYS A 95 2.59 -9.87 -15.96
N GLU A 96 2.97 -8.62 -15.76
CA GLU A 96 3.90 -7.90 -16.60
C GLU A 96 5.05 -7.35 -15.74
N PRO A 97 6.20 -7.07 -16.34
CA PRO A 97 7.34 -6.62 -15.53
C PRO A 97 7.12 -5.25 -14.91
N LEU A 98 7.71 -5.06 -13.73
CA LEU A 98 7.69 -3.79 -13.03
C LEU A 98 9.12 -3.29 -12.82
N LYS A 99 9.27 -1.99 -12.65
CA LYS A 99 10.58 -1.39 -12.44
C LYS A 99 10.69 -0.84 -11.03
N ALA A 100 11.92 -0.85 -10.51
CA ALA A 100 12.21 -0.27 -9.20
C ALA A 100 11.61 1.13 -9.08
N GLY A 101 10.99 1.39 -7.94
CA GLY A 101 10.42 2.69 -7.65
C GLY A 101 8.99 2.86 -8.10
N GLN A 102 8.53 2.01 -9.02
CA GLN A 102 7.20 2.16 -9.61
C GLN A 102 6.09 2.04 -8.57
N PHE A 103 5.11 2.94 -8.67
CA PHE A 103 3.86 2.80 -7.94
C PHE A 103 3.07 1.63 -8.52
N ILE A 104 2.48 0.84 -7.64
CA ILE A 104 1.76 -0.37 -8.04
C ILE A 104 0.28 -0.28 -7.73
N ILE A 105 -0.06 0.02 -6.48
CA ILE A 105 -1.47 0.01 -6.07
C ILE A 105 -1.58 0.70 -4.72
N GLU A 106 -2.73 1.29 -4.44
CA GLU A 106 -3.03 1.81 -3.12
C GLU A 106 -3.57 0.69 -2.23
N TYR A 107 -3.15 0.67 -0.98
CA TYR A 107 -3.66 -0.29 -0.01
C TYR A 107 -4.91 0.31 0.63
N LEU A 108 -6.04 -0.39 0.52
CA LEU A 108 -7.32 0.10 1.02
C LEU A 108 -7.84 -0.71 2.20
N GLY A 109 -8.65 -0.07 3.03
CA GLY A 109 -9.31 -0.79 4.11
C GLY A 109 -10.11 0.17 4.96
N GLU A 110 -10.48 -0.31 6.14
CA GLU A 110 -11.11 0.52 7.16
C GLU A 110 -10.05 1.17 8.02
N VAL A 111 -10.06 2.49 8.11
CA VAL A 111 -9.13 3.22 8.96
C VAL A 111 -9.73 3.27 10.36
N VAL A 112 -9.04 2.65 11.32
CA VAL A 112 -9.53 2.53 12.69
C VAL A 112 -8.42 2.91 13.65
N SER A 113 -8.82 3.40 14.83
CA SER A 113 -7.87 3.58 15.91
C SER A 113 -7.32 2.24 16.34
N GLU A 114 -6.13 2.26 16.96
CA GLU A 114 -5.62 1.03 17.56
C GLU A 114 -6.57 0.50 18.61
N GLN A 115 -7.24 1.39 19.35
CA GLN A 115 -8.22 0.93 20.34
C GLN A 115 -9.35 0.16 19.65
N GLU A 116 -9.90 0.71 18.57
CA GLU A 116 -10.96 0.01 17.84
C GLU A 116 -10.45 -1.32 17.27
N PHE A 117 -9.22 -1.33 16.76
CA PHE A 117 -8.73 -2.59 16.19
C PHE A 117 -8.55 -3.65 17.27
N ARG A 118 -8.04 -3.25 18.44
CA ARG A 118 -7.88 -4.23 19.52
C ARG A 118 -9.24 -4.77 19.94
N ASN A 119 -10.27 -3.93 19.92
CA ASN A 119 -11.63 -4.37 20.22
C ASN A 119 -12.12 -5.36 19.17
N ARG A 120 -11.85 -5.08 17.89
CA ARG A 120 -12.21 -6.01 16.83
C ARG A 120 -11.44 -7.33 16.92
N MET A 121 -10.19 -7.27 17.37
CA MET A 121 -9.41 -8.49 17.54
C MET A 121 -10.02 -9.39 18.62
N ILE A 122 -10.38 -8.79 19.76
CA ILE A 122 -10.97 -9.56 20.85
C ILE A 122 -12.32 -10.13 20.43
N GLU A 123 -13.12 -9.34 19.73
CA GLU A 123 -14.48 -9.76 19.45
C GLU A 123 -14.59 -10.67 18.23
N GLN A 124 -13.69 -10.53 17.26
CA GLN A 124 -13.84 -11.25 16.00
C GLN A 124 -12.57 -11.97 15.56
N TYR A 125 -11.48 -11.21 15.43
CA TYR A 125 -10.33 -11.67 14.65
C TYR A 125 -9.43 -12.67 15.37
N HIS A 126 -9.58 -12.83 16.70
CA HIS A 126 -8.55 -13.52 17.48
C HIS A 126 -8.30 -14.94 17.00
N ASN A 127 -9.30 -15.62 16.45
CA ASN A 127 -9.15 -16.99 15.99
C ASN A 127 -9.10 -17.13 14.48
N HIS A 128 -8.97 -16.03 13.74
CA HIS A 128 -8.80 -16.13 12.30
C HIS A 128 -7.43 -16.72 11.97
N SER A 129 -7.36 -17.39 10.81
CA SER A 129 -6.12 -17.99 10.36
C SER A 129 -5.31 -17.08 9.45
N ASP A 130 -5.91 -16.00 8.96
CA ASP A 130 -5.23 -15.00 8.14
C ASP A 130 -5.54 -13.64 8.73
N HIS A 131 -4.56 -12.74 8.68
CA HIS A 131 -4.67 -11.43 9.30
C HIS A 131 -4.41 -10.33 8.27
N TYR A 132 -4.99 -9.15 8.53
CA TYR A 132 -5.11 -8.10 7.51
C TYR A 132 -5.04 -6.72 8.18
N CYS A 133 -3.85 -6.32 8.64
CA CYS A 133 -3.78 -5.04 9.35
C CYS A 133 -2.45 -4.36 9.05
N LEU A 134 -2.53 -3.24 8.34
CA LEU A 134 -1.35 -2.47 7.94
C LEU A 134 -1.19 -1.29 8.88
N ASN A 135 0.05 -0.92 9.14
CA ASN A 135 0.25 0.30 9.92
C ASN A 135 -0.06 1.51 9.05
N LEU A 136 -0.24 2.66 9.70
CA LEU A 136 -0.65 3.87 8.98
C LEU A 136 0.04 5.09 9.59
N ASP A 137 -0.38 5.48 10.79
CA ASP A 137 0.29 6.52 11.53
C ASP A 137 0.05 6.27 13.02
N SER A 138 0.59 7.14 13.86
CA SER A 138 0.44 7.01 15.31
C SER A 138 -1.02 6.77 15.68
N GLY A 139 -1.28 5.70 16.42
CA GLY A 139 -2.59 5.43 16.95
C GLY A 139 -3.63 4.92 15.97
N MET A 140 -3.27 4.62 14.73
CA MET A 140 -4.28 4.16 13.78
C MET A 140 -3.66 3.19 12.78
N VAL A 141 -4.53 2.34 12.21
CA VAL A 141 -4.14 1.26 11.31
C VAL A 141 -5.17 1.17 10.19
N ILE A 142 -4.80 0.46 9.11
CA ILE A 142 -5.76 0.06 8.09
C ILE A 142 -6.13 -1.40 8.33
N ASP A 143 -7.41 -1.63 8.63
CA ASP A 143 -7.98 -2.96 8.87
C ASP A 143 -8.65 -3.42 7.58
N SER A 144 -8.06 -4.42 6.90
CA SER A 144 -8.70 -4.97 5.71
C SER A 144 -9.23 -6.38 5.94
N TYR A 145 -9.55 -6.73 7.20
CA TYR A 145 -10.16 -8.03 7.46
C TYR A 145 -11.53 -8.15 6.80
N ARG A 146 -12.27 -7.04 6.74
CA ARG A 146 -13.64 -7.04 6.24
C ARG A 146 -13.82 -6.30 4.92
N MET A 147 -13.03 -5.26 4.68
CA MET A 147 -13.19 -4.39 3.52
C MET A 147 -11.83 -4.02 2.97
N GLY A 148 -11.72 -3.92 1.65
CA GLY A 148 -10.45 -3.51 1.09
C GLY A 148 -10.38 -3.74 -0.41
N ASN A 149 -9.17 -4.02 -0.88
CA ASN A 149 -8.95 -4.31 -2.29
C ASN A 149 -7.93 -5.45 -2.40
N GLU A 150 -7.43 -5.67 -3.62
CA GLU A 150 -6.65 -6.88 -3.80
C GLU A 150 -5.28 -6.81 -3.16
N ALA A 151 -4.83 -5.61 -2.72
CA ALA A 151 -3.59 -5.51 -1.98
C ALA A 151 -3.63 -6.31 -0.67
N ARG A 152 -4.83 -6.61 -0.16
CA ARG A 152 -4.92 -7.40 1.06
C ARG A 152 -4.44 -8.82 0.89
N PHE A 153 -4.19 -9.28 -0.35
CA PHE A 153 -3.71 -10.64 -0.57
C PHE A 153 -2.19 -10.71 -0.76
N ILE A 154 -1.49 -9.61 -0.58
CA ILE A 154 -0.04 -9.60 -0.79
C ILE A 154 0.66 -10.18 0.43
N ASN A 155 1.55 -11.13 0.20
CA ASN A 155 2.16 -11.87 1.31
C ASN A 155 3.43 -11.17 1.83
N HIS A 156 3.87 -11.64 2.99
CA HIS A 156 5.10 -11.20 3.61
C HIS A 156 6.30 -11.92 3.00
N SER A 157 7.42 -11.21 2.93
CA SER A 157 8.70 -11.86 2.64
C SER A 157 9.82 -11.26 3.48
N CYS A 158 10.73 -12.11 3.91
CA CYS A 158 11.92 -11.63 4.60
C CYS A 158 12.93 -10.99 3.65
N ASP A 159 12.71 -11.12 2.34
CA ASP A 159 13.54 -10.47 1.31
C ASP A 159 12.54 -9.85 0.33
N PRO A 160 11.93 -8.73 0.70
CA PRO A 160 10.78 -8.21 -0.08
C PRO A 160 11.20 -7.57 -1.40
N ASN A 161 10.26 -7.55 -2.34
CA ASN A 161 10.46 -6.82 -3.58
C ASN A 161 9.63 -5.56 -3.68
N CYS A 162 8.77 -5.28 -2.70
CA CYS A 162 7.96 -4.05 -2.67
C CYS A 162 8.02 -3.45 -1.26
N GLU A 163 7.62 -2.18 -1.16
CA GLU A 163 7.51 -1.50 0.13
C GLU A 163 6.24 -0.67 0.14
N MET A 164 5.82 -0.28 1.35
CA MET A 164 4.77 0.72 1.51
C MET A 164 5.38 2.10 1.71
N GLN A 165 4.69 3.12 1.19
CA GLN A 165 5.04 4.51 1.40
C GLN A 165 3.80 5.29 1.82
N LYS A 166 3.95 6.16 2.82
CA LYS A 166 2.86 7.00 3.31
C LYS A 166 2.95 8.37 2.62
N TRP A 167 1.87 8.78 1.96
CA TRP A 167 1.82 10.05 1.23
C TRP A 167 0.68 10.92 1.71
N SER A 168 0.93 12.23 1.75
CA SER A 168 -0.13 13.21 1.96
C SER A 168 -0.79 13.50 0.63
N VAL A 169 -2.10 13.31 0.56
CA VAL A 169 -2.86 13.40 -0.69
C VAL A 169 -4.15 14.15 -0.37
N ASN A 170 -4.29 15.39 -0.85
CA ASN A 170 -5.51 16.17 -0.65
C ASN A 170 -5.82 16.32 0.84
N GLY A 171 -4.79 16.43 1.68
CA GLY A 171 -4.98 16.64 3.09
C GLY A 171 -5.11 15.39 3.94
N VAL A 172 -4.97 14.21 3.35
CA VAL A 172 -5.12 12.96 4.09
C VAL A 172 -3.98 12.02 3.77
N TYR A 173 -3.54 11.24 4.76
CA TYR A 173 -2.51 10.24 4.53
C TYR A 173 -3.11 9.01 3.87
N ARG A 174 -2.45 8.54 2.81
CA ARG A 174 -2.84 7.31 2.13
C ARG A 174 -1.58 6.48 1.92
N ILE A 175 -1.76 5.17 1.80
CA ILE A 175 -0.62 4.25 1.73
C ILE A 175 -0.58 3.61 0.34
N GLY A 176 0.57 3.73 -0.32
CA GLY A 176 0.79 3.08 -1.60
C GLY A 176 1.85 1.99 -1.53
N LEU A 177 1.69 0.97 -2.37
CA LEU A 177 2.70 -0.06 -2.57
C LEU A 177 3.59 0.31 -3.75
N TYR A 178 4.90 0.31 -3.54
CA TYR A 178 5.88 0.68 -4.55
C TYR A 178 6.95 -0.40 -4.70
N ALA A 179 7.40 -0.60 -5.94
CA ALA A 179 8.43 -1.60 -6.21
C ALA A 179 9.76 -1.18 -5.60
N LEU A 180 10.43 -2.13 -4.94
CA LEU A 180 11.79 -1.92 -4.46
C LEU A 180 12.84 -2.22 -5.51
N LYS A 181 12.50 -3.06 -6.50
CA LYS A 181 13.46 -3.51 -7.50
C LYS A 181 12.70 -3.91 -8.75
N ASP A 182 13.43 -4.03 -9.85
CA ASP A 182 12.84 -4.58 -11.07
C ASP A 182 12.33 -5.98 -10.81
N MET A 183 11.19 -6.31 -11.42
CA MET A 183 10.54 -7.61 -11.25
C MET A 183 10.09 -8.10 -12.62
N PRO A 184 10.48 -9.30 -13.02
CA PRO A 184 10.00 -9.82 -14.31
C PRO A 184 8.56 -10.26 -14.22
N ALA A 185 7.95 -10.41 -15.40
CA ALA A 185 6.61 -10.97 -15.50
C ALA A 185 6.48 -12.24 -14.66
N GLY A 186 5.33 -12.37 -13.97
CA GLY A 186 5.03 -13.54 -13.17
C GLY A 186 5.41 -13.45 -11.70
N THR A 187 6.08 -12.38 -11.27
CA THR A 187 6.64 -12.31 -9.93
C THR A 187 5.54 -12.10 -8.88
N GLU A 188 5.59 -12.86 -7.78
CA GLU A 188 4.72 -12.61 -6.64
C GLU A 188 5.19 -11.35 -5.91
N LEU A 189 4.27 -10.42 -5.71
CA LEU A 189 4.57 -9.21 -4.94
C LEU A 189 4.66 -9.56 -3.45
N THR A 190 5.67 -8.99 -2.78
CA THR A 190 5.85 -9.20 -1.35
C THR A 190 6.34 -7.91 -0.70
N TYR A 191 6.02 -7.74 0.58
CA TYR A 191 6.63 -6.68 1.38
C TYR A 191 6.93 -7.22 2.77
N ASP A 192 7.71 -6.45 3.53
CA ASP A 192 8.21 -6.89 4.83
C ASP A 192 7.23 -6.45 5.92
N TYR A 193 6.45 -7.39 6.44
CA TYR A 193 5.46 -7.04 7.46
C TYR A 193 6.10 -6.44 8.70
N ASN A 194 7.36 -6.81 8.98
CA ASN A 194 8.03 -6.26 10.15
C ASN A 194 8.13 -4.75 10.06
N PHE A 195 8.34 -4.22 8.84
CA PHE A 195 8.46 -2.79 8.60
C PHE A 195 7.10 -2.09 8.49
N HIS A 196 6.12 -2.73 7.84
CA HIS A 196 4.95 -2.00 7.38
C HIS A 196 3.64 -2.43 8.05
N SER A 197 3.63 -3.57 8.74
CA SER A 197 2.39 -4.12 9.24
C SER A 197 2.26 -3.94 10.75
N PHE A 198 1.02 -3.88 11.21
CA PHE A 198 0.73 -3.77 12.63
C PHE A 198 1.01 -5.09 13.34
N ASN A 199 1.61 -5.00 14.52
CA ASN A 199 1.87 -6.21 15.30
C ASN A 199 0.58 -6.74 15.91
N VAL A 200 -0.07 -7.69 15.22
CA VAL A 200 -1.33 -8.27 15.70
C VAL A 200 -1.10 -9.33 16.78
N GLU A 201 0.15 -9.54 17.18
CA GLU A 201 0.49 -10.48 18.25
C GLU A 201 -0.04 -11.88 17.92
N LYS A 202 0.19 -12.31 16.69
CA LYS A 202 -0.12 -13.65 16.24
C LYS A 202 1.15 -14.31 15.73
N GLN A 203 1.20 -15.63 15.87
CA GLN A 203 2.41 -16.42 15.67
C GLN A 203 2.19 -17.34 14.48
N GLN A 204 2.92 -17.08 13.38
CA GLN A 204 2.69 -17.79 12.14
C GLN A 204 4.02 -18.06 11.44
N LEU A 205 4.19 -19.29 10.94
CA LEU A 205 5.39 -19.66 10.19
C LEU A 205 5.51 -18.80 8.94
N CYS A 206 6.74 -18.39 8.63
CA CYS A 206 7.02 -17.74 7.36
C CYS A 206 7.47 -18.77 6.35
N LYS A 207 6.84 -18.78 5.18
CA LYS A 207 7.23 -19.66 4.08
C LYS A 207 7.76 -18.86 2.90
N CYS A 208 8.46 -17.74 3.17
CA CYS A 208 8.95 -16.90 2.09
C CYS A 208 10.02 -17.59 1.25
N GLY A 209 10.70 -18.59 1.78
CA GLY A 209 11.61 -19.40 0.99
C GLY A 209 13.05 -18.92 0.92
N PHE A 210 13.37 -17.76 1.49
CA PHE A 210 14.71 -17.19 1.40
C PHE A 210 15.63 -17.75 2.48
N GLU A 211 16.92 -17.76 2.16
CA GLU A 211 17.92 -18.24 3.12
C GLU A 211 17.93 -17.38 4.38
N LYS A 212 17.61 -16.10 4.25
CA LYS A 212 17.60 -15.17 5.37
C LYS A 212 16.28 -15.17 6.13
N CYS A 213 15.39 -16.13 5.85
CA CYS A 213 14.07 -16.12 6.48
C CYS A 213 14.19 -16.11 8.00
N ARG A 214 13.40 -15.25 8.64
CA ARG A 214 13.34 -15.13 10.09
C ARG A 214 12.52 -16.22 10.74
N GLY A 215 11.83 -17.04 9.97
CA GLY A 215 11.06 -18.16 10.50
C GLY A 215 9.65 -17.83 10.94
N ILE A 216 9.41 -16.59 11.36
CA ILE A 216 8.11 -16.13 11.85
C ILE A 216 7.73 -14.85 11.11
N ILE A 217 6.48 -14.76 10.66
CA ILE A 217 6.01 -13.53 10.02
C ILE A 217 6.08 -12.38 11.01
N GLY A 218 6.81 -11.33 10.65
CA GLY A 218 6.99 -10.21 11.54
C GLY A 218 8.03 -10.42 12.62
N GLY A 219 8.73 -11.55 12.62
CA GLY A 219 9.64 -11.88 13.69
C GLY A 219 10.99 -11.20 13.56
N LYS A 220 11.82 -11.44 14.56
CA LYS A 220 13.20 -10.96 14.54
C LYS A 220 14.11 -12.02 13.95
N SER A 221 15.34 -11.62 13.66
CA SER A 221 16.33 -12.48 13.00
C SER A 221 16.62 -13.76 13.79
#